data_7ETQ
# 
_entry.id   7ETQ 
# 
_audit_conform.dict_name       mmcif_pdbx.dic 
_audit_conform.dict_version    5.392 
_audit_conform.dict_location   http://mmcif.pdb.org/dictionaries/ascii/mmcif_pdbx.dic 
# 
loop_
_database_2.database_id 
_database_2.database_code 
_database_2.pdbx_database_accession 
_database_2.pdbx_DOI 
PDB   7ETQ         pdb_00007etq 10.2210/pdb7etq/pdb 
WWPDB D_1300022204 ?            ?                   
# 
loop_
_pdbx_audit_revision_history.ordinal 
_pdbx_audit_revision_history.data_content_type 
_pdbx_audit_revision_history.major_revision 
_pdbx_audit_revision_history.minor_revision 
_pdbx_audit_revision_history.revision_date 
1 'Structure model' 1 0 2022-05-18 
2 'Structure model' 1 1 2024-05-29 
# 
_pdbx_audit_revision_details.ordinal             1 
_pdbx_audit_revision_details.revision_ordinal    1 
_pdbx_audit_revision_details.data_content_type   'Structure model' 
_pdbx_audit_revision_details.provider            repository 
_pdbx_audit_revision_details.type                'Initial release' 
_pdbx_audit_revision_details.description         ? 
_pdbx_audit_revision_details.details             ? 
# 
_pdbx_audit_revision_group.ordinal             1 
_pdbx_audit_revision_group.revision_ordinal    2 
_pdbx_audit_revision_group.data_content_type   'Structure model' 
_pdbx_audit_revision_group.group               'Data collection' 
# 
loop_
_pdbx_audit_revision_category.ordinal 
_pdbx_audit_revision_category.revision_ordinal 
_pdbx_audit_revision_category.data_content_type 
_pdbx_audit_revision_category.category 
1 2 'Structure model' chem_comp_atom 
2 2 'Structure model' chem_comp_bond 
# 
_pdbx_database_status.status_code                     REL 
_pdbx_database_status.status_code_sf                  REL 
_pdbx_database_status.status_code_mr                  ? 
_pdbx_database_status.entry_id                        7ETQ 
_pdbx_database_status.recvd_initial_deposition_date   2021-05-13 
_pdbx_database_status.SG_entry                        N 
_pdbx_database_status.deposit_site                    PDBJ 
_pdbx_database_status.process_site                    PDBJ 
_pdbx_database_status.status_code_cs                  ? 
_pdbx_database_status.status_code_nmr_data            ? 
_pdbx_database_status.methods_development_category    ? 
_pdbx_database_status.pdb_format_compatible           Y 
# 
loop_
_audit_author.name 
_audit_author.pdbx_ordinal 
_audit_author.identifier_ORCID 
'Kurumida, Y.'  1 0000-0003-2696-154X 
'Ikeda, K.'     2 0000-0003-3217-5713 
'Nakamichi, Y.' 3 0000-0001-7089-663X 
'Hirano, A.'    4 0000-0002-4138-0308 
'Kobayashi, K.' 5 0000-0002-2662-2452 
'Saito, Y.'     6 0000-0002-4853-0153 
'Kameda, T.'    7 0000-0001-9508-5366 
# 
_citation.abstract                  ? 
_citation.abstract_id_CAS           ? 
_citation.book_id_ISBN              ? 
_citation.book_publisher            ? 
_citation.book_publisher_city       ? 
_citation.book_title                ? 
_citation.coordinate_linkage        ? 
_citation.country                   ? 
_citation.database_id_Medline       ? 
_citation.details                   ? 
_citation.id                        primary 
_citation.journal_abbrev            'To Be Published' 
_citation.journal_id_ASTM           ? 
_citation.journal_id_CSD            0353 
_citation.journal_id_ISSN           ? 
_citation.journal_full              ? 
_citation.journal_issue             ? 
_citation.journal_volume            ? 
_citation.language                  ? 
_citation.page_first                ? 
_citation.page_last                 ? 
_citation.title                     'Crystal structure of Pro-Met-Leu-Leu' 
_citation.year                      ? 
_citation.database_id_CSD           ? 
_citation.pdbx_database_id_DOI      ? 
_citation.pdbx_database_id_PubMed   ? 
_citation.pdbx_database_id_patent   ? 
_citation.unpublished_flag          ? 
# 
loop_
_citation_author.citation_id 
_citation_author.name 
_citation_author.ordinal 
_citation_author.identifier_ORCID 
primary 'Kurumida, Y.'  1 0000-0003-2696-154X 
primary 'Ikeda, K.'     2 0000-0003-3217-5713 
primary 'Nakamichi, Y.' 3 0000-0001-7089-663X 
primary 'Hirano, A.'    4 0000-0002-4138-0308 
primary 'Kobayashi, K.' 5 0000-0002-2662-2452 
primary 'Saito, Y.'     6 0000-0002-4853-0153 
primary 'Kameda, T.'    7 0000-0001-9508-5366 
# 
loop_
_entity.id 
_entity.type 
_entity.src_method 
_entity.pdbx_description 
_entity.formula_weight 
_entity.pdbx_number_of_molecules 
_entity.pdbx_ec 
_entity.pdbx_mutation 
_entity.pdbx_fragment 
_entity.details 
1 polymer syn Pro-Met-Leu-Leu 472.641 1 ? ? ? ? 
2 water   nat water           18.015  3 ? ? ? ? 
# 
_entity_poly.entity_id                      1 
_entity_poly.type                           'polypeptide(L)' 
_entity_poly.nstd_linkage                   no 
_entity_poly.nstd_monomer                   no 
_entity_poly.pdbx_seq_one_letter_code       PMLL 
_entity_poly.pdbx_seq_one_letter_code_can   PMLL 
_entity_poly.pdbx_strand_id                 A 
_entity_poly.pdbx_target_identifier         ? 
# 
_pdbx_entity_nonpoly.entity_id   2 
_pdbx_entity_nonpoly.name        water 
_pdbx_entity_nonpoly.comp_id     HOH 
# 
loop_
_entity_poly_seq.entity_id 
_entity_poly_seq.num 
_entity_poly_seq.mon_id 
_entity_poly_seq.hetero 
1 1 PRO n 
1 2 MET n 
1 3 LEU n 
1 4 LEU n 
# 
_pdbx_entity_src_syn.entity_id              1 
_pdbx_entity_src_syn.pdbx_src_id            1 
_pdbx_entity_src_syn.pdbx_alt_source_flag   sample 
_pdbx_entity_src_syn.pdbx_beg_seq_num       1 
_pdbx_entity_src_syn.pdbx_end_seq_num       4 
_pdbx_entity_src_syn.organism_scientific    'synthetic construct' 
_pdbx_entity_src_syn.organism_common_name   ? 
_pdbx_entity_src_syn.ncbi_taxonomy_id       32630 
_pdbx_entity_src_syn.details                ? 
# 
loop_
_chem_comp.id 
_chem_comp.type 
_chem_comp.mon_nstd_flag 
_chem_comp.name 
_chem_comp.pdbx_synonyms 
_chem_comp.formula 
_chem_comp.formula_weight 
HOH non-polymer         . WATER      ? 'H2 O'          18.015  
LEU 'L-peptide linking' y LEUCINE    ? 'C6 H13 N O2'   131.173 
MET 'L-peptide linking' y METHIONINE ? 'C5 H11 N O2 S' 149.211 
PRO 'L-peptide linking' y PROLINE    ? 'C5 H9 N O2'    115.130 
# 
loop_
_pdbx_poly_seq_scheme.asym_id 
_pdbx_poly_seq_scheme.entity_id 
_pdbx_poly_seq_scheme.seq_id 
_pdbx_poly_seq_scheme.mon_id 
_pdbx_poly_seq_scheme.ndb_seq_num 
_pdbx_poly_seq_scheme.pdb_seq_num 
_pdbx_poly_seq_scheme.auth_seq_num 
_pdbx_poly_seq_scheme.pdb_mon_id 
_pdbx_poly_seq_scheme.auth_mon_id 
_pdbx_poly_seq_scheme.pdb_strand_id 
_pdbx_poly_seq_scheme.pdb_ins_code 
_pdbx_poly_seq_scheme.hetero 
A 1 1 PRO 1 25 25 PRO PRO A . n 
A 1 2 MET 2 26 26 MET MET A . n 
A 1 3 LEU 3 27 27 LEU LEU A . n 
A 1 4 LEU 4 28 28 LEU LEU A . n 
# 
loop_
_pdbx_nonpoly_scheme.asym_id 
_pdbx_nonpoly_scheme.entity_id 
_pdbx_nonpoly_scheme.mon_id 
_pdbx_nonpoly_scheme.ndb_seq_num 
_pdbx_nonpoly_scheme.pdb_seq_num 
_pdbx_nonpoly_scheme.auth_seq_num 
_pdbx_nonpoly_scheme.pdb_mon_id 
_pdbx_nonpoly_scheme.auth_mon_id 
_pdbx_nonpoly_scheme.pdb_strand_id 
_pdbx_nonpoly_scheme.pdb_ins_code 
B 2 HOH 1 101 3 HOH HOH A . 
B 2 HOH 2 102 1 HOH HOH A . 
B 2 HOH 3 103 2 HOH HOH A . 
# 
loop_
_software.citation_id 
_software.classification 
_software.compiler_name 
_software.compiler_version 
_software.contact_author 
_software.contact_author_email 
_software.date 
_software.description 
_software.dependencies 
_software.hardware 
_software.language 
_software.location 
_software.mods 
_software.name 
_software.os 
_software.os_version 
_software.type 
_software.version 
_software.pdbx_ordinal 
? refinement       ? ? ? ? ? ? ? ? ? ? ? SHELX  ? ? ? .     1 
? 'data scaling'   ? ? ? ? ? ? ? ? ? ? ? XSCALE ? ? ? .     2 
? phasing          ? ? ? ? ? ? ? ? ? ? ? PHASER ? ? ? 2.8.3 3 
? 'model building' ? ? ? ? ? ? ? ? ? ? ? Coot   ? ? ? .     4 
# 
_cell.angle_alpha                  90.000 
_cell.angle_alpha_esd              ? 
_cell.angle_beta                   90.000 
_cell.angle_beta_esd               ? 
_cell.angle_gamma                  90.000 
_cell.angle_gamma_esd              ? 
_cell.entry_id                     7ETQ 
_cell.details                      ? 
_cell.formula_units_Z              ? 
_cell.length_a                     25.338 
_cell.length_a_esd                 ? 
_cell.length_b                     9.678 
_cell.length_b_esd                 ? 
_cell.length_c                     11.915 
_cell.length_c_esd                 ? 
_cell.volume                       ? 
_cell.volume_esd                   ? 
_cell.Z_PDB                        4 
_cell.reciprocal_angle_alpha       ? 
_cell.reciprocal_angle_beta        ? 
_cell.reciprocal_angle_gamma       ? 
_cell.reciprocal_angle_alpha_esd   ? 
_cell.reciprocal_angle_beta_esd    ? 
_cell.reciprocal_angle_gamma_esd   ? 
_cell.reciprocal_length_a          ? 
_cell.reciprocal_length_b          ? 
_cell.reciprocal_length_c          ? 
_cell.reciprocal_length_a_esd      ? 
_cell.reciprocal_length_b_esd      ? 
_cell.reciprocal_length_c_esd      ? 
_cell.pdbx_unique_axis             ? 
# 
_symmetry.entry_id                         7ETQ 
_symmetry.cell_setting                     ? 
_symmetry.Int_Tables_number                18 
_symmetry.space_group_name_Hall            ? 
_symmetry.space_group_name_H-M             'P 21 21 2' 
_symmetry.pdbx_full_space_group_name_H-M   ? 
# 
_exptl.absorpt_coefficient_mu     ? 
_exptl.absorpt_correction_T_max   ? 
_exptl.absorpt_correction_T_min   ? 
_exptl.absorpt_correction_type    ? 
_exptl.absorpt_process_details    ? 
_exptl.entry_id                   7ETQ 
_exptl.crystals_number            1 
_exptl.details                    ? 
_exptl.method                     'X-RAY DIFFRACTION' 
_exptl.method_details             ? 
# 
_exptl_crystal.colour                      ? 
_exptl_crystal.density_diffrn              ? 
_exptl_crystal.density_Matthews            1.55 
_exptl_crystal.density_method              ? 
_exptl_crystal.density_percent_sol         20.41 
_exptl_crystal.description                 ? 
_exptl_crystal.F_000                       ? 
_exptl_crystal.id                          1 
_exptl_crystal.preparation                 ? 
_exptl_crystal.size_max                    ? 
_exptl_crystal.size_mid                    ? 
_exptl_crystal.size_min                    ? 
_exptl_crystal.size_rad                    ? 
_exptl_crystal.colour_lustre               ? 
_exptl_crystal.colour_modifier             ? 
_exptl_crystal.colour_primary              ? 
_exptl_crystal.density_meas                ? 
_exptl_crystal.density_meas_esd            ? 
_exptl_crystal.density_meas_gt             ? 
_exptl_crystal.density_meas_lt             ? 
_exptl_crystal.density_meas_temp           ? 
_exptl_crystal.density_meas_temp_esd       ? 
_exptl_crystal.density_meas_temp_gt        ? 
_exptl_crystal.density_meas_temp_lt        ? 
_exptl_crystal.pdbx_crystal_image_url      ? 
_exptl_crystal.pdbx_crystal_image_format   ? 
_exptl_crystal.pdbx_mosaicity              ? 
_exptl_crystal.pdbx_mosaicity_esd          ? 
# 
_exptl_crystal_grow.apparatus       ? 
_exptl_crystal_grow.atmosphere      ? 
_exptl_crystal_grow.crystal_id      1 
_exptl_crystal_grow.details         ? 
_exptl_crystal_grow.method          'VAPOR DIFFUSION, HANGING DROP' 
_exptl_crystal_grow.method_ref      ? 
_exptl_crystal_grow.pH              7.0 
_exptl_crystal_grow.pressure        ? 
_exptl_crystal_grow.pressure_esd    ? 
_exptl_crystal_grow.seeding         ? 
_exptl_crystal_grow.seeding_ref     ? 
_exptl_crystal_grow.temp            293 
_exptl_crystal_grow.temp_details    ? 
_exptl_crystal_grow.temp_esd        ? 
_exptl_crystal_grow.time            ? 
_exptl_crystal_grow.pdbx_details    '100 mM MOPS, 5 mM EDTA-2Na' 
_exptl_crystal_grow.pdbx_pH_range   ? 
# 
_diffrn.ambient_environment              ? 
_diffrn.ambient_temp                     100 
_diffrn.ambient_temp_details             ? 
_diffrn.ambient_temp_esd                 ? 
_diffrn.crystal_id                       1 
_diffrn.crystal_support                  ? 
_diffrn.crystal_treatment                ? 
_diffrn.details                          ? 
_diffrn.id                               1 
_diffrn.ambient_pressure                 ? 
_diffrn.ambient_pressure_esd             ? 
_diffrn.ambient_pressure_gt              ? 
_diffrn.ambient_pressure_lt              ? 
_diffrn.ambient_temp_gt                  ? 
_diffrn.ambient_temp_lt                  ? 
_diffrn.pdbx_serial_crystal_experiment   N 
# 
_diffrn_detector.details                      ? 
_diffrn_detector.detector                     PIXEL 
_diffrn_detector.diffrn_id                    1 
_diffrn_detector.type                         'DECTRIS EIGER X 16M' 
_diffrn_detector.area_resol_mean              ? 
_diffrn_detector.dtime                        ? 
_diffrn_detector.pdbx_frames_total            ? 
_diffrn_detector.pdbx_collection_time_total   ? 
_diffrn_detector.pdbx_collection_date         2019-06-15 
_diffrn_detector.pdbx_frequency               ? 
# 
_diffrn_radiation.collimation                      ? 
_diffrn_radiation.diffrn_id                        1 
_diffrn_radiation.filter_edge                      ? 
_diffrn_radiation.inhomogeneity                    ? 
_diffrn_radiation.monochromator                    ? 
_diffrn_radiation.polarisn_norm                    ? 
_diffrn_radiation.polarisn_ratio                   ? 
_diffrn_radiation.probe                            ? 
_diffrn_radiation.type                             ? 
_diffrn_radiation.xray_symbol                      ? 
_diffrn_radiation.wavelength_id                    1 
_diffrn_radiation.pdbx_monochromatic_or_laue_m_l   M 
_diffrn_radiation.pdbx_wavelength_list             ? 
_diffrn_radiation.pdbx_wavelength                  ? 
_diffrn_radiation.pdbx_diffrn_protocol             'SINGLE WAVELENGTH' 
_diffrn_radiation.pdbx_analyzer                    ? 
_diffrn_radiation.pdbx_scattering_type             x-ray 
# 
_diffrn_radiation_wavelength.id           1 
_diffrn_radiation_wavelength.wavelength   0.9 
_diffrn_radiation_wavelength.wt           1.0 
# 
_diffrn_source.current                     ? 
_diffrn_source.details                     ? 
_diffrn_source.diffrn_id                   1 
_diffrn_source.power                       ? 
_diffrn_source.size                        ? 
_diffrn_source.source                      SYNCHROTRON 
_diffrn_source.target                      ? 
_diffrn_source.type                        'SPRING-8 BEAMLINE BL44XU' 
_diffrn_source.voltage                     ? 
_diffrn_source.take-off_angle              ? 
_diffrn_source.pdbx_wavelength_list        0.9 
_diffrn_source.pdbx_wavelength             ? 
_diffrn_source.pdbx_synchrotron_beamline   BL44XU 
_diffrn_source.pdbx_synchrotron_site       SPring-8 
# 
_reflns.B_iso_Wilson_estimate                          10.381 
_reflns.entry_id                                       7ETQ 
_reflns.data_reduction_details                         ? 
_reflns.data_reduction_method                          ? 
_reflns.d_resolution_high                              1.040 
_reflns.d_resolution_low                               12.67 
_reflns.details                                        ? 
_reflns.limit_h_max                                    ? 
_reflns.limit_h_min                                    ? 
_reflns.limit_k_max                                    ? 
_reflns.limit_k_min                                    ? 
_reflns.limit_l_max                                    ? 
_reflns.limit_l_min                                    ? 
_reflns.number_all                                     ? 
_reflns.number_obs                                     2674 
_reflns.observed_criterion                             ? 
_reflns.observed_criterion_F_max                       ? 
_reflns.observed_criterion_F_min                       ? 
_reflns.observed_criterion_I_max                       ? 
_reflns.observed_criterion_I_min                       ? 
_reflns.observed_criterion_sigma_F                     ? 
_reflns.observed_criterion_sigma_I                     ? 
_reflns.percent_possible_obs                           98.200 
_reflns.R_free_details                                 ? 
_reflns.Rmerge_F_all                                   ? 
_reflns.Rmerge_F_obs                                   ? 
_reflns.Friedel_coverage                               ? 
_reflns.number_gt                                      ? 
_reflns.threshold_expression                           ? 
_reflns.pdbx_redundancy                                3.353 
_reflns.pdbx_Rmerge_I_obs                              0.159 
_reflns.pdbx_Rmerge_I_all                              ? 
_reflns.pdbx_Rsym_value                                ? 
_reflns.pdbx_netI_over_av_sigmaI                       ? 
_reflns.pdbx_netI_over_sigmaI                          3.830 
_reflns.pdbx_res_netI_over_av_sigmaI_2                 ? 
_reflns.pdbx_res_netI_over_sigmaI_2                    ? 
_reflns.pdbx_chi_squared                               0.853 
_reflns.pdbx_scaling_rejects                           ? 
_reflns.pdbx_d_res_high_opt                            ? 
_reflns.pdbx_d_res_low_opt                             ? 
_reflns.pdbx_d_res_opt_method                          ? 
_reflns.phase_calculation_details                      ? 
_reflns.pdbx_Rrim_I_all                                0.190 
_reflns.pdbx_Rpim_I_all                                ? 
_reflns.pdbx_d_opt                                     ? 
_reflns.pdbx_number_measured_all                       ? 
_reflns.pdbx_diffrn_id                                 1 
_reflns.pdbx_ordinal                                   1 
_reflns.pdbx_CC_half                                   0.990 
_reflns.pdbx_CC_star                                   ? 
_reflns.pdbx_R_split                                   ? 
_reflns.pdbx_aniso_diffraction_limit_axis_1_ortho[1]   ? 
_reflns.pdbx_aniso_diffraction_limit_axis_1_ortho[2]   ? 
_reflns.pdbx_aniso_diffraction_limit_axis_1_ortho[3]   ? 
_reflns.pdbx_aniso_diffraction_limit_axis_2_ortho[1]   ? 
_reflns.pdbx_aniso_diffraction_limit_axis_2_ortho[2]   ? 
_reflns.pdbx_aniso_diffraction_limit_axis_2_ortho[3]   ? 
_reflns.pdbx_aniso_diffraction_limit_axis_3_ortho[1]   ? 
_reflns.pdbx_aniso_diffraction_limit_axis_3_ortho[2]   ? 
_reflns.pdbx_aniso_diffraction_limit_axis_3_ortho[3]   ? 
_reflns.pdbx_aniso_diffraction_limit_1                 ? 
_reflns.pdbx_aniso_diffraction_limit_2                 ? 
_reflns.pdbx_aniso_diffraction_limit_3                 ? 
_reflns.pdbx_aniso_B_tensor_eigenvector_1_ortho[1]     ? 
_reflns.pdbx_aniso_B_tensor_eigenvector_1_ortho[2]     ? 
_reflns.pdbx_aniso_B_tensor_eigenvector_1_ortho[3]     ? 
_reflns.pdbx_aniso_B_tensor_eigenvector_2_ortho[1]     ? 
_reflns.pdbx_aniso_B_tensor_eigenvector_2_ortho[2]     ? 
_reflns.pdbx_aniso_B_tensor_eigenvector_2_ortho[3]     ? 
_reflns.pdbx_aniso_B_tensor_eigenvector_3_ortho[1]     ? 
_reflns.pdbx_aniso_B_tensor_eigenvector_3_ortho[2]     ? 
_reflns.pdbx_aniso_B_tensor_eigenvector_3_ortho[3]     ? 
_reflns.pdbx_aniso_B_tensor_eigenvalue_1               ? 
_reflns.pdbx_aniso_B_tensor_eigenvalue_2               ? 
_reflns.pdbx_aniso_B_tensor_eigenvalue_3               ? 
_reflns.pdbx_orthogonalization_convention              ? 
_reflns.pdbx_percent_possible_ellipsoidal              ? 
_reflns.pdbx_percent_possible_spherical                ? 
_reflns.pdbx_percent_possible_ellipsoidal_anomalous    ? 
_reflns.pdbx_percent_possible_spherical_anomalous      ? 
_reflns.pdbx_redundancy_anomalous                      ? 
_reflns.pdbx_CC_half_anomalous                         ? 
_reflns.pdbx_absDiff_over_sigma_anomalous              ? 
_reflns.pdbx_percent_possible_anomalous                ? 
_reflns.pdbx_observed_signal_threshold                 ? 
_reflns.pdbx_signal_type                               ? 
_reflns.pdbx_signal_details                            ? 
_reflns.pdbx_signal_software_id                        ? 
# 
loop_
_reflns_shell.d_res_high 
_reflns_shell.d_res_low 
_reflns_shell.meanI_over_sigI_all 
_reflns_shell.meanI_over_sigI_obs 
_reflns_shell.number_measured_all 
_reflns_shell.number_measured_obs 
_reflns_shell.number_possible 
_reflns_shell.number_unique_all 
_reflns_shell.number_unique_obs 
_reflns_shell.percent_possible_all 
_reflns_shell.percent_possible_obs 
_reflns_shell.Rmerge_F_all 
_reflns_shell.Rmerge_F_obs 
_reflns_shell.Rmerge_I_all 
_reflns_shell.Rmerge_I_obs 
_reflns_shell.meanI_over_sigI_gt 
_reflns_shell.meanI_over_uI_all 
_reflns_shell.meanI_over_uI_gt 
_reflns_shell.number_measured_gt 
_reflns_shell.number_unique_gt 
_reflns_shell.percent_possible_gt 
_reflns_shell.Rmerge_F_gt 
_reflns_shell.Rmerge_I_gt 
_reflns_shell.pdbx_redundancy 
_reflns_shell.pdbx_Rsym_value 
_reflns_shell.pdbx_chi_squared 
_reflns_shell.pdbx_netI_over_sigmaI_all 
_reflns_shell.pdbx_netI_over_sigmaI_obs 
_reflns_shell.pdbx_Rrim_I_all 
_reflns_shell.pdbx_Rpim_I_all 
_reflns_shell.pdbx_rejects 
_reflns_shell.pdbx_ordinal 
_reflns_shell.pdbx_diffrn_id 
_reflns_shell.pdbx_CC_half 
_reflns_shell.pdbx_CC_star 
_reflns_shell.pdbx_R_split 
_reflns_shell.pdbx_percent_possible_ellipsoidal 
_reflns_shell.pdbx_percent_possible_spherical 
_reflns_shell.pdbx_percent_possible_ellipsoidal_anomalous 
_reflns_shell.pdbx_percent_possible_spherical_anomalous 
_reflns_shell.pdbx_redundancy_anomalous 
_reflns_shell.pdbx_CC_half_anomalous 
_reflns_shell.pdbx_absDiff_over_sigma_anomalous 
_reflns_shell.pdbx_percent_possible_anomalous 
1.040 1.080 ? 1.560 ? ? ? ? 252 94.000  ? ? ? ? 0.562 ? ? ? ? ? ? ? ? 3.421 ? ? ? ? 0.672 ? ? 1  1 0.722 ? ? ? ? ? ? ? ? ? ? 
1.080 1.110 ? 1.780 ? ? ? ? 219 100.000 ? ? ? ? 0.568 ? ? ? ? ? ? ? ? 3.288 ? ? ? ? 0.680 ? ? 2  1 0.587 ? ? ? ? ? ? ? ? ? ? 
1.110 1.160 ? 2.170 ? ? ? ? 226 99.600  ? ? ? ? 0.410 ? ? ? ? ? ? ? ? 3.097 ? ? ? ? 0.502 ? ? 3  1 0.837 ? ? ? ? ? ? ? ? ? ? 
1.160 1.200 ? 2.470 ? ? ? ? 245 98.000  ? ? ? ? 0.417 ? ? ? ? ? ? ? ? 3.327 ? ? ? ? 0.498 ? ? 4  1 0.792 ? ? ? ? ? ? ? ? ? ? 
1.200 1.260 ? 2.740 ? ? ? ? 203 98.100  ? ? ? ? 0.387 ? ? ? ? ? ? ? ? 3.557 ? ? ? ? 0.460 ? ? 5  1 0.862 ? ? ? ? ? ? ? ? ? ? 
1.260 1.320 ? 2.980 ? ? ? ? 201 100.000 ? ? ? ? 0.365 ? ? ? ? ? ? ? ? 3.483 ? ? ? ? 0.432 ? ? 6  1 0.867 ? ? ? ? ? ? ? ? ? ? 
1.320 1.390 ? 3.600 ? ? ? ? 207 98.600  ? ? ? ? 0.313 ? ? ? ? ? ? ? ? 3.319 ? ? ? ? 0.375 ? ? 7  1 0.855 ? ? ? ? ? ? ? ? ? ? 
1.390 1.470 ? 3.830 ? ? ? ? 175 100.000 ? ? ? ? 0.285 ? ? ? ? ? ? ? ? 3.211 ? ? ? ? 0.345 ? ? 8  1 0.827 ? ? ? ? ? ? ? ? ? ? 
1.470 1.570 ? 4.080 ? ? ? ? 174 99.400  ? ? ? ? 0.238 ? ? ? ? ? ? ? ? 3.103 ? ? ? ? 0.288 ? ? 9  1 0.935 ? ? ? ? ? ? ? ? ? ? 
1.570 1.700 ? 5.570 ? ? ? ? 166 97.600  ? ? ? ? 0.192 ? ? ? ? ? ? ? ? 3.675 ? ? ? ? 0.227 ? ? 10 1 0.947 ? ? ? ? ? ? ? ? ? ? 
1.700 1.860 ? 5.650 ? ? ? ? 140 97.900  ? ? ? ? 0.201 ? ? ? ? ? ? ? ? 3.443 ? ? ? ? 0.237 ? ? 11 1 0.960 ? ? ? ? ? ? ? ? ? ? 
1.860 2.080 ? 6.780 ? ? ? ? 130 96.300  ? ? ? ? 0.167 ? ? ? ? ? ? ? ? 3.531 ? ? ? ? 0.197 ? ? 12 1 0.948 ? ? ? ? ? ? ? ? ? ? 
2.080 2.400 ? 7.090 ? ? ? ? 122 98.400  ? ? ? ? 0.135 ? ? ? ? ? ? ? ? 3.377 ? ? ? ? 0.161 ? ? 13 1 0.979 ? ? ? ? ? ? ? ? ? ? 
2.400 2.950 ? 7.160 ? ? ? ? 94  97.900  ? ? ? ? 0.134 ? ? ? ? ? ? ? ? 3.085 ? ? ? ? 0.163 ? ? 14 1 0.941 ? ? ? ? ? ? ? ? ? ? 
2.950 4.170 ? 7.590 ? ? ? ? 75  98.700  ? ? ? ? 0.097 ? ? ? ? ? ? ? ? 3.373 ? ? ? ? 0.114 ? ? 15 1 0.992 ? ? ? ? ? ? ? ? ? ? 
4.170 12.67 ? 8.300 ? ? ? ? 45  97.800  ? ? ? ? 0.060 ? ? ? ? ? ? ? ? 3.400 ? ? ? ? 0.073 ? ? 16 1 0.997 ? ? ? ? ? ? ? ? ? ? 
# 
_refine.aniso_B[1][1]                            ? 
_refine.aniso_B[1][2]                            ? 
_refine.aniso_B[1][3]                            ? 
_refine.aniso_B[2][2]                            ? 
_refine.aniso_B[2][3]                            ? 
_refine.aniso_B[3][3]                            ? 
_refine.B_iso_max                                43.980 
_refine.B_iso_mean                               12.5910 
_refine.B_iso_min                                5.320 
_refine.correlation_coeff_Fo_to_Fc               ? 
_refine.correlation_coeff_Fo_to_Fc_free          ? 
_refine.details                                  ? 
_refine.diff_density_max                         ? 
_refine.diff_density_max_esd                     ? 
_refine.diff_density_min                         ? 
_refine.diff_density_min_esd                     ? 
_refine.diff_density_rms                         ? 
_refine.diff_density_rms_esd                     ? 
_refine.entry_id                                 7ETQ 
_refine.pdbx_refine_id                           'X-RAY DIFFRACTION' 
_refine.ls_abs_structure_details                 ? 
_refine.ls_abs_structure_Flack                   ? 
_refine.ls_abs_structure_Flack_esd               ? 
_refine.ls_abs_structure_Rogers                  ? 
_refine.ls_abs_structure_Rogers_esd              ? 
_refine.ls_d_res_high                            1.040 
_refine.ls_d_res_low                             12.67 
_refine.ls_extinction_coef                       ? 
_refine.ls_extinction_coef_esd                   ? 
_refine.ls_extinction_expression                 ? 
_refine.ls_extinction_method                     ? 
_refine.ls_goodness_of_fit_all                   ? 
_refine.ls_goodness_of_fit_all_esd               ? 
_refine.ls_goodness_of_fit_obs                   ? 
_refine.ls_goodness_of_fit_obs_esd               ? 
_refine.ls_hydrogen_treatment                    ? 
_refine.ls_matrix_type                           ? 
_refine.ls_number_constraints                    ? 
_refine.ls_number_parameters                     ? 
_refine.ls_number_reflns_all                     ? 
_refine.ls_number_reflns_obs                     2544 
_refine.ls_number_reflns_R_free                  130 
_refine.ls_number_reflns_R_work                  ? 
_refine.ls_number_restraints                     ? 
_refine.ls_percent_reflns_obs                    98.9 
_refine.ls_percent_reflns_R_free                 ? 
_refine.ls_R_factor_all                          ? 
_refine.ls_R_factor_obs                          ? 
_refine.ls_R_factor_R_free                       0.1775 
_refine.ls_R_factor_R_free_error                 ? 
_refine.ls_R_factor_R_free_error_details         ? 
_refine.ls_R_factor_R_work                       0.1463 
_refine.ls_R_Fsqd_factor_obs                     ? 
_refine.ls_R_I_factor_obs                        ? 
_refine.ls_redundancy_reflns_all                 ? 
_refine.ls_redundancy_reflns_obs                 ? 
_refine.ls_restrained_S_all                      ? 
_refine.ls_restrained_S_obs                      ? 
_refine.ls_shift_over_esd_max                    ? 
_refine.ls_shift_over_esd_mean                   ? 
_refine.ls_structure_factor_coef                 ? 
_refine.ls_weighting_details                     ? 
_refine.ls_weighting_scheme                      ? 
_refine.ls_wR_factor_all                         ? 
_refine.ls_wR_factor_obs                         ? 
_refine.ls_wR_factor_R_free                      ? 
_refine.ls_wR_factor_R_work                      ? 
_refine.occupancy_max                            ? 
_refine.occupancy_min                            ? 
_refine.solvent_model_details                    ? 
_refine.solvent_model_param_bsol                 ? 
_refine.solvent_model_param_ksol                 ? 
_refine.pdbx_R_complete                          ? 
_refine.ls_R_factor_gt                           ? 
_refine.ls_goodness_of_fit_gt                    ? 
_refine.ls_goodness_of_fit_ref                   ? 
_refine.ls_shift_over_su_max                     ? 
_refine.ls_shift_over_su_max_lt                  ? 
_refine.ls_shift_over_su_mean                    ? 
_refine.ls_shift_over_su_mean_lt                 ? 
_refine.pdbx_ls_sigma_I                          ? 
_refine.pdbx_ls_sigma_F                          ? 
_refine.pdbx_ls_sigma_Fsqd                       ? 
_refine.pdbx_data_cutoff_high_absF               ? 
_refine.pdbx_data_cutoff_high_rms_absF           ? 
_refine.pdbx_data_cutoff_low_absF                ? 
_refine.pdbx_isotropic_thermal_model             ? 
_refine.pdbx_ls_cross_valid_method               'FREE R-VALUE' 
_refine.pdbx_method_to_determine_struct          'MOLECULAR REPLACEMENT' 
_refine.pdbx_starting_model                      ? 
_refine.pdbx_stereochemistry_target_values       ? 
_refine.pdbx_R_Free_selection_details            ? 
_refine.pdbx_stereochem_target_val_spec_case     ? 
_refine.pdbx_overall_ESU_R                       ? 
_refine.pdbx_overall_ESU_R_Free                  ? 
_refine.pdbx_solvent_vdw_probe_radii             ? 
_refine.pdbx_solvent_ion_probe_radii             ? 
_refine.pdbx_solvent_shrinkage_radii             ? 
_refine.pdbx_real_space_R                        ? 
_refine.pdbx_density_correlation                 ? 
_refine.pdbx_pd_number_of_powder_patterns        ? 
_refine.pdbx_pd_number_of_points                 ? 
_refine.pdbx_pd_meas_number_of_points            ? 
_refine.pdbx_pd_proc_ls_prof_R_factor            ? 
_refine.pdbx_pd_proc_ls_prof_wR_factor           ? 
_refine.pdbx_pd_Marquardt_correlation_coeff      ? 
_refine.pdbx_pd_Fsqrd_R_factor                   ? 
_refine.pdbx_pd_ls_matrix_band_width             ? 
_refine.pdbx_overall_phase_error                 ? 
_refine.pdbx_overall_SU_R_free_Cruickshank_DPI   ? 
_refine.pdbx_overall_SU_R_free_Blow_DPI          ? 
_refine.pdbx_overall_SU_R_Blow_DPI               ? 
_refine.pdbx_TLS_residual_ADP_flag               ? 
_refine.pdbx_diffrn_id                           1 
_refine.overall_SU_B                             ? 
_refine.overall_SU_ML                            ? 
_refine.overall_SU_R_Cruickshank_DPI             ? 
_refine.overall_SU_R_free                        ? 
_refine.overall_FOM_free_R_set                   ? 
_refine.overall_FOM_work_R_set                   ? 
_refine.pdbx_average_fsc_overall                 ? 
_refine.pdbx_average_fsc_work                    ? 
_refine.pdbx_average_fsc_free                    ? 
# 
_refine_hist.pdbx_refine_id                   'X-RAY DIFFRACTION' 
_refine_hist.cycle_id                         LAST 
_refine_hist.details                          ? 
_refine_hist.d_res_high                       1.040 
_refine_hist.d_res_low                        12.67 
_refine_hist.number_atoms_solvent             3 
_refine_hist.number_atoms_total               35 
_refine_hist.number_reflns_all                ? 
_refine_hist.number_reflns_obs                ? 
_refine_hist.number_reflns_R_free             ? 
_refine_hist.number_reflns_R_work             ? 
_refine_hist.R_factor_all                     ? 
_refine_hist.R_factor_obs                     ? 
_refine_hist.R_factor_R_free                  ? 
_refine_hist.R_factor_R_work                  ? 
_refine_hist.pdbx_number_residues_total       ? 
_refine_hist.pdbx_B_iso_mean_ligand           ? 
_refine_hist.pdbx_B_iso_mean_solvent          ? 
_refine_hist.pdbx_number_atoms_protein        32 
_refine_hist.pdbx_number_atoms_nucleic_acid   0 
_refine_hist.pdbx_number_atoms_ligand         0 
_refine_hist.pdbx_number_atoms_lipid          ? 
_refine_hist.pdbx_number_atoms_carb           ? 
_refine_hist.pdbx_pseudo_atom_details         ? 
# 
_struct.entry_id                     7ETQ 
_struct.title                        'Crystal structure of Pro-Met-Leu-Leu' 
_struct.pdbx_model_details           ? 
_struct.pdbx_formula_weight          ? 
_struct.pdbx_formula_weight_method   ? 
_struct.pdbx_model_type_details      ? 
_struct.pdbx_CASP_flag               N 
# 
_struct_keywords.entry_id        7ETQ 
_struct_keywords.text            'Synthetic peptide, UNKNOWN FUNCTION' 
_struct_keywords.pdbx_keywords   'UNKNOWN FUNCTION' 
# 
loop_
_struct_asym.id 
_struct_asym.pdbx_blank_PDB_chainid_flag 
_struct_asym.pdbx_modified 
_struct_asym.entity_id 
_struct_asym.details 
A N N 1 ? 
B N N 2 ? 
# 
_struct_ref.id                         1 
_struct_ref.db_name                    PDB 
_struct_ref.db_code                    7ETQ 
_struct_ref.pdbx_db_accession          7ETQ 
_struct_ref.pdbx_db_isoform            ? 
_struct_ref.entity_id                  1 
_struct_ref.pdbx_seq_one_letter_code   ? 
_struct_ref.pdbx_align_begin           1 
# 
_struct_ref_seq.align_id                      1 
_struct_ref_seq.ref_id                        1 
_struct_ref_seq.pdbx_PDB_id_code              7ETQ 
_struct_ref_seq.pdbx_strand_id                A 
_struct_ref_seq.seq_align_beg                 1 
_struct_ref_seq.pdbx_seq_align_beg_ins_code   ? 
_struct_ref_seq.seq_align_end                 4 
_struct_ref_seq.pdbx_seq_align_end_ins_code   ? 
_struct_ref_seq.pdbx_db_accession             7ETQ 
_struct_ref_seq.db_align_beg                  25 
_struct_ref_seq.pdbx_db_align_beg_ins_code    ? 
_struct_ref_seq.db_align_end                  28 
_struct_ref_seq.pdbx_db_align_end_ins_code    ? 
_struct_ref_seq.pdbx_auth_seq_align_beg       25 
_struct_ref_seq.pdbx_auth_seq_align_end       28 
# 
_pdbx_struct_assembly.id                   1 
_pdbx_struct_assembly.details              author_defined_assembly 
_pdbx_struct_assembly.method_details       ? 
_pdbx_struct_assembly.oligomeric_details   monomeric 
_pdbx_struct_assembly.oligomeric_count     1 
# 
loop_
_pdbx_struct_assembly_prop.biol_id 
_pdbx_struct_assembly_prop.type 
_pdbx_struct_assembly_prop.value 
_pdbx_struct_assembly_prop.details 
1 'ABSA (A^2)' 0   ? 
1 MORE         0   ? 
1 'SSA (A^2)'  730 ? 
# 
_pdbx_struct_assembly_gen.assembly_id       1 
_pdbx_struct_assembly_gen.oper_expression   1 
_pdbx_struct_assembly_gen.asym_id_list      A,B 
# 
_pdbx_struct_assembly_auth_evidence.id                     1 
_pdbx_struct_assembly_auth_evidence.assembly_id            1 
_pdbx_struct_assembly_auth_evidence.experimental_support   none 
_pdbx_struct_assembly_auth_evidence.details                ? 
# 
_pdbx_struct_oper_list.id                   1 
_pdbx_struct_oper_list.type                 'identity operation' 
_pdbx_struct_oper_list.name                 1_555 
_pdbx_struct_oper_list.symmetry_operation   x,y,z 
_pdbx_struct_oper_list.matrix[1][1]         1.0000000000 
_pdbx_struct_oper_list.matrix[1][2]         0.0000000000 
_pdbx_struct_oper_list.matrix[1][3]         0.0000000000 
_pdbx_struct_oper_list.vector[1]            0.0000000000 
_pdbx_struct_oper_list.matrix[2][1]         0.0000000000 
_pdbx_struct_oper_list.matrix[2][2]         1.0000000000 
_pdbx_struct_oper_list.matrix[2][3]         0.0000000000 
_pdbx_struct_oper_list.vector[2]            0.0000000000 
_pdbx_struct_oper_list.matrix[3][1]         0.0000000000 
_pdbx_struct_oper_list.matrix[3][2]         0.0000000000 
_pdbx_struct_oper_list.matrix[3][3]         1.0000000000 
_pdbx_struct_oper_list.vector[3]            0.0000000000 
# 
_pdbx_struct_special_symmetry.id              1 
_pdbx_struct_special_symmetry.PDB_model_num   1 
_pdbx_struct_special_symmetry.auth_asym_id    A 
_pdbx_struct_special_symmetry.auth_comp_id    HOH 
_pdbx_struct_special_symmetry.auth_seq_id     101 
_pdbx_struct_special_symmetry.PDB_ins_code    ? 
_pdbx_struct_special_symmetry.label_asym_id   B 
_pdbx_struct_special_symmetry.label_comp_id   HOH 
_pdbx_struct_special_symmetry.label_seq_id    . 
# 
_pdbx_phasing_MR.entry_id                     7ETQ 
_pdbx_phasing_MR.method_rotation              ? 
_pdbx_phasing_MR.method_translation           ? 
_pdbx_phasing_MR.model_details                'Phaser MODE: MR_AUTO' 
_pdbx_phasing_MR.R_factor                     ? 
_pdbx_phasing_MR.R_rigid_body                 ? 
_pdbx_phasing_MR.correlation_coeff_Fo_to_Fc   ? 
_pdbx_phasing_MR.correlation_coeff_Io_to_Ic   ? 
_pdbx_phasing_MR.d_res_high_rotation          1.040 
_pdbx_phasing_MR.d_res_low_rotation           12.670 
_pdbx_phasing_MR.d_res_high_translation       1.040 
_pdbx_phasing_MR.d_res_low_translation        12.670 
_pdbx_phasing_MR.packing                      ? 
_pdbx_phasing_MR.reflns_percent_rotation      ? 
_pdbx_phasing_MR.reflns_percent_translation   ? 
_pdbx_phasing_MR.sigma_F_rotation             ? 
_pdbx_phasing_MR.sigma_F_translation          ? 
_pdbx_phasing_MR.sigma_I_rotation             ? 
_pdbx_phasing_MR.sigma_I_translation          ? 
# 
_phasing.method   MR 
# 
loop_
_chem_comp_atom.comp_id 
_chem_comp_atom.atom_id 
_chem_comp_atom.type_symbol 
_chem_comp_atom.pdbx_aromatic_flag 
_chem_comp_atom.pdbx_stereo_config 
_chem_comp_atom.pdbx_ordinal 
HOH O    O N N 1  
HOH H1   H N N 2  
HOH H2   H N N 3  
LEU N    N N N 4  
LEU CA   C N S 5  
LEU C    C N N 6  
LEU O    O N N 7  
LEU CB   C N N 8  
LEU CG   C N N 9  
LEU CD1  C N N 10 
LEU CD2  C N N 11 
LEU OXT  O N N 12 
LEU H    H N N 13 
LEU H2   H N N 14 
LEU HA   H N N 15 
LEU HB2  H N N 16 
LEU HB3  H N N 17 
LEU HG   H N N 18 
LEU HD11 H N N 19 
LEU HD12 H N N 20 
LEU HD13 H N N 21 
LEU HD21 H N N 22 
LEU HD22 H N N 23 
LEU HD23 H N N 24 
LEU HXT  H N N 25 
MET N    N N N 26 
MET CA   C N S 27 
MET C    C N N 28 
MET O    O N N 29 
MET CB   C N N 30 
MET CG   C N N 31 
MET SD   S N N 32 
MET CE   C N N 33 
MET OXT  O N N 34 
MET H    H N N 35 
MET H2   H N N 36 
MET HA   H N N 37 
MET HB2  H N N 38 
MET HB3  H N N 39 
MET HG2  H N N 40 
MET HG3  H N N 41 
MET HE1  H N N 42 
MET HE2  H N N 43 
MET HE3  H N N 44 
MET HXT  H N N 45 
PRO N    N N N 46 
PRO CA   C N S 47 
PRO C    C N N 48 
PRO O    O N N 49 
PRO CB   C N N 50 
PRO CG   C N N 51 
PRO CD   C N N 52 
PRO OXT  O N N 53 
PRO H    H N N 54 
PRO HA   H N N 55 
PRO HB2  H N N 56 
PRO HB3  H N N 57 
PRO HG2  H N N 58 
PRO HG3  H N N 59 
PRO HD2  H N N 60 
PRO HD3  H N N 61 
PRO HXT  H N N 62 
# 
loop_
_chem_comp_bond.comp_id 
_chem_comp_bond.atom_id_1 
_chem_comp_bond.atom_id_2 
_chem_comp_bond.value_order 
_chem_comp_bond.pdbx_aromatic_flag 
_chem_comp_bond.pdbx_stereo_config 
_chem_comp_bond.pdbx_ordinal 
HOH O   H1   sing N N 1  
HOH O   H2   sing N N 2  
LEU N   CA   sing N N 3  
LEU N   H    sing N N 4  
LEU N   H2   sing N N 5  
LEU CA  C    sing N N 6  
LEU CA  CB   sing N N 7  
LEU CA  HA   sing N N 8  
LEU C   O    doub N N 9  
LEU C   OXT  sing N N 10 
LEU CB  CG   sing N N 11 
LEU CB  HB2  sing N N 12 
LEU CB  HB3  sing N N 13 
LEU CG  CD1  sing N N 14 
LEU CG  CD2  sing N N 15 
LEU CG  HG   sing N N 16 
LEU CD1 HD11 sing N N 17 
LEU CD1 HD12 sing N N 18 
LEU CD1 HD13 sing N N 19 
LEU CD2 HD21 sing N N 20 
LEU CD2 HD22 sing N N 21 
LEU CD2 HD23 sing N N 22 
LEU OXT HXT  sing N N 23 
MET N   CA   sing N N 24 
MET N   H    sing N N 25 
MET N   H2   sing N N 26 
MET CA  C    sing N N 27 
MET CA  CB   sing N N 28 
MET CA  HA   sing N N 29 
MET C   O    doub N N 30 
MET C   OXT  sing N N 31 
MET CB  CG   sing N N 32 
MET CB  HB2  sing N N 33 
MET CB  HB3  sing N N 34 
MET CG  SD   sing N N 35 
MET CG  HG2  sing N N 36 
MET CG  HG3  sing N N 37 
MET SD  CE   sing N N 38 
MET CE  HE1  sing N N 39 
MET CE  HE2  sing N N 40 
MET CE  HE3  sing N N 41 
MET OXT HXT  sing N N 42 
PRO N   CA   sing N N 43 
PRO N   CD   sing N N 44 
PRO N   H    sing N N 45 
PRO CA  C    sing N N 46 
PRO CA  CB   sing N N 47 
PRO CA  HA   sing N N 48 
PRO C   O    doub N N 49 
PRO C   OXT  sing N N 50 
PRO CB  CG   sing N N 51 
PRO CB  HB2  sing N N 52 
PRO CB  HB3  sing N N 53 
PRO CG  CD   sing N N 54 
PRO CG  HG2  sing N N 55 
PRO CG  HG3  sing N N 56 
PRO CD  HD2  sing N N 57 
PRO CD  HD3  sing N N 58 
PRO OXT HXT  sing N N 59 
# 
_atom_sites.entry_id                    7ETQ 
_atom_sites.Cartn_transf_matrix[1][1]   ? 
_atom_sites.Cartn_transf_matrix[1][2]   ? 
_atom_sites.Cartn_transf_matrix[1][3]   ? 
_atom_sites.Cartn_transf_matrix[2][1]   ? 
_atom_sites.Cartn_transf_matrix[2][2]   ? 
_atom_sites.Cartn_transf_matrix[2][3]   ? 
_atom_sites.Cartn_transf_matrix[3][1]   ? 
_atom_sites.Cartn_transf_matrix[3][2]   ? 
_atom_sites.Cartn_transf_matrix[3][3]   ? 
_atom_sites.Cartn_transf_vector[1]      ? 
_atom_sites.Cartn_transf_vector[2]      ? 
_atom_sites.Cartn_transf_vector[3]      ? 
_atom_sites.fract_transf_matrix[1][1]   -0.02808074 
_atom_sites.fract_transf_matrix[1][2]   -0.01654615 
_atom_sites.fract_transf_matrix[1][3]   0.02225448 
_atom_sites.fract_transf_matrix[2][1]   -0.01817090 
_atom_sites.fract_transf_matrix[2][2]   -0.06930253 
_atom_sites.fract_transf_matrix[2][3]   -0.07445433 
_atom_sites.fract_transf_matrix[3][1]   0.05709677 
_atom_sites.fract_transf_matrix[3][2]   -0.05135241 
_atom_sites.fract_transf_matrix[3][3]   0.03386441 
_atom_sites.fract_transf_vector[1]      -0.281093 
_atom_sites.fract_transf_vector[2]      0.202314 
_atom_sites.fract_transf_vector[3]      0.045120 
_atom_sites.solution_primary            ? 
_atom_sites.solution_secondary          ? 
_atom_sites.solution_hydrogens          ? 
_atom_sites.special_details             ? 
# 
loop_
_atom_type.symbol 
C 
H 
N 
O 
S 
# 
loop_
_atom_site.group_PDB 
_atom_site.id 
_atom_site.type_symbol 
_atom_site.label_atom_id 
_atom_site.label_alt_id 
_atom_site.label_comp_id 
_atom_site.label_asym_id 
_atom_site.label_entity_id 
_atom_site.label_seq_id 
_atom_site.pdbx_PDB_ins_code 
_atom_site.Cartn_x 
_atom_site.Cartn_y 
_atom_site.Cartn_z 
_atom_site.occupancy 
_atom_site.B_iso_or_equiv 
_atom_site.pdbx_formal_charge 
_atom_site.auth_seq_id 
_atom_site.auth_comp_id 
_atom_site.auth_asym_id 
_atom_site.auth_atom_id 
_atom_site.pdbx_PDB_model_num 
ATOM   1  N N    A PRO A 1 1 ? 5.067  0.220  -0.653 0.49 5.32  ? 25  PRO A N    1 
ATOM   2  N N    B PRO A 1 1 ? 5.038  0.352  -0.257 0.51 7.48  ? 25  PRO A N    1 
ATOM   3  C CA   A PRO A 1 1 ? 3.771  -0.355 -1.084 0.49 6.83  ? 25  PRO A CA   1 
ATOM   4  C CA   B PRO A 1 1 ? 3.848  -0.280 -0.877 0.51 7.88  ? 25  PRO A CA   1 
ATOM   5  C C    A PRO A 1 1 ? 2.658  0.488  -0.470 0.49 6.84  ? 25  PRO A C    1 
ATOM   6  C C    B PRO A 1 1 ? 2.607  0.382  -0.313 0.51 6.43  ? 25  PRO A C    1 
ATOM   7  O O    A PRO A 1 1 ? 2.898  1.323  0.420  0.49 7.15  ? 25  PRO A O    1 
ATOM   8  O O    B PRO A 1 1 ? 2.696  1.064  0.730  0.51 8.95  ? 25  PRO A O    1 
ATOM   9  C CB   A PRO A 1 1 ? 3.756  -1.758 -0.500 0.49 8.34  ? 25  PRO A CB   1 
ATOM   10 C CB   B PRO A 1 1 ? 4.007  -1.743 -0.470 0.51 8.98  ? 25  PRO A CB   1 
ATOM   11 C CG   A PRO A 1 1 ? 5.189  -2.101 -0.264 0.49 8.46  ? 25  PRO A CG   1 
ATOM   12 C CG   B PRO A 1 1 ? 4.811  -1.696 0.793  0.51 7.41  ? 25  PRO A CG   1 
ATOM   13 C CD   A PRO A 1 1 ? 5.906  -0.806 -0.007 0.49 5.38  ? 25  PRO A CD   1 
ATOM   14 C CD   B PRO A 1 1 ? 5.846  -0.635 0.482  0.51 7.74  ? 25  PRO A CD   1 
ATOM   15 H H2   A PRO A 1 1 ? 4.921  0.886  -0.081 0.49 6.39  ? 25  PRO A H2   1 
ATOM   16 H H2   B PRO A 1 1 ? 4.775  0.995  0.300  0.51 8.98  ? 25  PRO A H2   1 
ATOM   17 H H3   A PRO A 1 1 ? 5.495  0.551  -1.360 0.49 6.39  ? 25  PRO A H3   1 
ATOM   18 H H3   B PRO A 1 1 ? 5.537  0.727  -0.892 0.51 8.98  ? 25  PRO A H3   1 
ATOM   19 H HA   A PRO A 1 1 ? 3.701  -0.377 -2.061 0.49 8.19  ? 25  PRO A HA   1 
ATOM   20 H HA   B PRO A 1 1 ? 3.876  -0.186 -1.852 0.51 9.45  ? 25  PRO A HA   1 
ATOM   21 H HB2  A PRO A 1 1 ? 3.258  -1.778 0.332  0.49 10.00 ? 25  PRO A HB2  1 
ATOM   22 H HB2  B PRO A 1 1 ? 3.143  -2.154 -0.313 0.51 10.78 ? 25  PRO A HB2  1 
ATOM   23 H HB3  A PRO A 1 1 ? 3.352  -2.384 -1.122 0.49 10.00 ? 25  PRO A HB3  1 
ATOM   24 H HB3  B PRO A 1 1 ? 4.473  -2.243 -1.158 0.51 10.78 ? 25  PRO A HB3  1 
ATOM   25 H HG2  A PRO A 1 1 ? 5.273  -2.692 0.501  0.49 10.15 ? 25  PRO A HG2  1 
ATOM   26 H HG2  B PRO A 1 1 ? 4.261  -1.440 1.549  0.51 8.89  ? 25  PRO A HG2  1 
ATOM   27 H HG3  A PRO A 1 1 ? 5.562  -2.547 -1.041 0.49 10.15 ? 25  PRO A HG3  1 
ATOM   28 H HG3  B PRO A 1 1 ? 5.229  -2.552 0.976  0.51 8.89  ? 25  PRO A HG3  1 
ATOM   29 H HD2  A PRO A 1 1 ? 5.985  -0.638 0.946  0.49 6.45  ? 25  PRO A HD2  1 
ATOM   30 H HD2  B PRO A 1 1 ? 6.219  -0.254 1.293  0.51 9.29  ? 25  PRO A HD2  1 
ATOM   31 H HD3  A PRO A 1 1 ? 6.795  -0.820 -0.397 0.49 6.45  ? 25  PRO A HD3  1 
ATOM   32 H HD3  B PRO A 1 1 ? 6.565  -0.989 -0.066 0.51 9.29  ? 25  PRO A HD3  1 
ATOM   33 N N    . MET A 1 2 ? 1.440  0.224  -0.926 1.00 6.52  ? 26  MET A N    1 
ATOM   34 C CA   . MET A 1 2 ? 0.256  0.878  -0.445 1.00 6.97  ? 26  MET A CA   1 
ATOM   35 C C    . MET A 1 2 ? -0.782 -0.178 -0.055 1.00 6.66  ? 26  MET A C    1 
ATOM   36 O O    . MET A 1 2 ? -1.162 -1.034 -0.851 1.00 8.84  ? 26  MET A O    1 
ATOM   37 C CB   . MET A 1 2 ? -0.321 1.829  -1.484 1.00 7.48  ? 26  MET A CB   1 
ATOM   38 C CG   . MET A 1 2 ? 0.660  2.927  -1.855 1.00 7.92  ? 26  MET A CG   1 
ATOM   39 S SD   . MET A 1 2 ? -0.097 4.080  -2.957 1.00 12.51 ? 26  MET A SD   1 
ATOM   40 C CE   . MET A 1 2 ? 0.923  4.028  -4.414 1.00 29.32 ? 26  MET A CE   1 
ATOM   41 H H    A MET A 1 2 ? 1.356  -0.371 -1.542 1.00 7.83  ? 26  MET A H    1 
ATOM   42 H HA   . MET A 1 2 ? 0.489  1.394  0.353  1.00 8.36  ? 26  MET A HA   1 
ATOM   43 H HB2  . MET A 1 2 ? -0.555 1.328  -2.280 1.00 8.97  ? 26  MET A HB2  1 
ATOM   44 H HB3  . MET A 1 2 ? -1.132 2.231  -1.134 1.00 8.97  ? 26  MET A HB3  1 
ATOM   45 H HG2  . MET A 1 2 ? 0.952  3.386  -1.053 1.00 9.50  ? 26  MET A HG2  1 
ATOM   46 H HG3  . MET A 1 2 ? 1.440  2.535  -2.280 1.00 9.50  ? 26  MET A HG3  1 
ATOM   47 H HE1  . MET A 1 2 ? 1.595  3.350  -4.311 1.00 43.98 ? 26  MET A HE1  1 
ATOM   48 H HE2  . MET A 1 2 ? 1.345  4.881  -4.541 1.00 43.98 ? 26  MET A HE2  1 
ATOM   49 H HE3  . MET A 1 2 ? 0.378  3.823  -5.179 1.00 43.98 ? 26  MET A HE3  1 
ATOM   50 N N    . LEU A 1 3 ? -1.267 -0.078 1.194  1.00 6.63  ? 27  LEU A N    1 
ATOM   51 C CA   . LEU A 1 3 ? -2.310 -0.948 1.728  1.00 7.57  ? 27  LEU A CA   1 
ATOM   52 C C    . LEU A 1 3 ? -3.540 -0.034 1.827  1.00 6.73  ? 27  LEU A C    1 
ATOM   53 O O    . LEU A 1 3 ? -3.665 0.810  2.710  1.00 9.79  ? 27  LEU A O    1 
ATOM   54 C CB   . LEU A 1 3 ? -1.871 -1.561 3.051  1.00 8.25  ? 27  LEU A CB   1 
ATOM   55 C CG   . LEU A 1 3 ? -0.517 -2.245 3.093  1.00 9.88  ? 27  LEU A CG   1 
ATOM   56 C CD1  . LEU A 1 3 ? -0.266 -2.823 4.501  1.00 10.20 ? 27  LEU A CD1  1 
ATOM   57 C CD2  . LEU A 1 3 ? -0.475 -3.387 2.061  1.00 11.67 ? 27  LEU A CD2  1 
ATOM   58 H H    . LEU A 1 3 ? -0.946 0.533  1.707  1.00 7.96  ? 27  LEU A H    1 
ATOM   59 H HA   . LEU A 1 3 ? -2.492 -1.665 1.085  1.00 9.08  ? 27  LEU A HA   1 
ATOM   60 H HB2  . LEU A 1 3 ? -1.872 -0.860 3.720  1.00 9.90  ? 27  LEU A HB2  1 
ATOM   61 H HB3  . LEU A 1 3 ? -2.541 -2.211 3.315  1.00 9.90  ? 27  LEU A HB3  1 
ATOM   62 H HG   . LEU A 1 3 ? 0.183  -1.592 2.882  1.00 11.86 ? 27  LEU A HG   1 
ATOM   63 H HD11 . LEU A 1 3 ? -0.867 -2.413 5.127  1.00 15.30 ? 27  LEU A HD11 1 
ATOM   64 H HD12 . LEU A 1 3 ? 0.640  -2.647 4.762  1.00 15.30 ? 27  LEU A HD12 1 
ATOM   65 H HD13 . LEU A 1 3 ? -0.416 -3.772 4.488  1.00 15.30 ? 27  LEU A HD13 1 
ATOM   66 H HD21 . LEU A 1 3 ? 0.437  -3.627 1.885  1.00 17.51 ? 27  LEU A HD21 1 
ATOM   67 H HD22 . LEU A 1 3 ? -0.893 -3.097 1.246  1.00 17.51 ? 27  LEU A HD22 1 
ATOM   68 H HD23 . LEU A 1 3 ? -0.945 -4.148 2.407  1.00 17.51 ? 27  LEU A HD23 1 
ATOM   69 N N    . LEU A 1 4 ? -4.458 -0.220 0.885  1.00 7.14  ? 28  LEU A N    1 
ATOM   70 C CA   . LEU A 1 4 ? -5.566 0.706  0.678  1.00 8.24  ? 28  LEU A CA   1 
ATOM   71 C C    . LEU A 1 4 ? -6.896 0.067  1.055  1.00 11.19 ? 28  LEU A C    1 
ATOM   72 O O    . LEU A 1 4 ? -7.824 0.833  1.317  1.00 21.75 ? 28  LEU A O    1 
ATOM   73 C CB   . LEU A 1 4 ? -5.637 1.169  -0.785 1.00 8.81  ? 28  LEU A CB   1 
ATOM   74 C CG   . LEU A 1 4 ? -4.378 1.825  -1.362 1.00 8.20  ? 28  LEU A CG   1 
ATOM   75 C CD1  . LEU A 1 4 ? -4.586 2.187  -2.804 1.00 12.74 ? 28  LEU A CD1  1 
ATOM   76 C CD2  . LEU A 1 4 ? -3.954 3.020  -0.479 1.00 11.28 ? 28  LEU A CD2  1 
ATOM   77 O OXT  . LEU A 1 4 ? -7.009 -1.181 1.021  1.00 9.26  ? 28  LEU A OXT  1 
ATOM   78 H H    . LEU A 1 4 ? -4.398 -0.913 0.380  1.00 8.56  ? 28  LEU A H    1 
ATOM   79 H HA   . LEU A 1 4 ? -5.425 1.491  1.246  1.00 9.89  ? 28  LEU A HA   1 
ATOM   80 H HB2  . LEU A 1 4 ? -5.855 0.400  -1.335 1.00 10.57 ? 28  LEU A HB2  1 
ATOM   81 H HB3  . LEU A 1 4 ? -6.370 1.800  -0.866 1.00 10.57 ? 28  LEU A HB3  1 
ATOM   82 H HG   . LEU A 1 4 ? -3.658 1.161  -1.325 1.00 9.84  ? 28  LEU A HG   1 
ATOM   83 H HD11 . LEU A 1 4 ? -4.829 1.402  -3.299 1.00 19.11 ? 28  LEU A HD11 1 
ATOM   84 H HD12 . LEU A 1 4 ? -3.774 2.554  -3.162 1.00 19.11 ? 28  LEU A HD12 1 
ATOM   85 H HD13 . LEU A 1 4 ? -5.288 2.839  -2.872 1.00 19.11 ? 28  LEU A HD13 1 
ATOM   86 H HD21 . LEU A 1 4 ? -3.233 3.491  -0.904 1.00 16.93 ? 28  LEU A HD21 1 
ATOM   87 H HD22 . LEU A 1 4 ? -3.665 2.699  0.378  1.00 16.93 ? 28  LEU A HD22 1 
ATOM   88 H HD23 . LEU A 1 4 ? -4.701 3.613  -0.363 1.00 16.93 ? 28  LEU A HD23 1 
HETATM 89 O O    . HOH B 2 . ? -9.346 2.485  2.685  0.50 23.97 ? 101 HOH A O    1 
HETATM 90 O O    . HOH B 2 . ? -5.459 -3.272 2.173  1.00 11.64 ? 102 HOH A O    1 
HETATM 91 O O    . HOH B 2 . ? -4.454 -0.437 5.795  1.00 37.58 ? 103 HOH A O    1 
# 
loop_
_atom_site_anisotrop.id 
_atom_site_anisotrop.type_symbol 
_atom_site_anisotrop.pdbx_label_atom_id 
_atom_site_anisotrop.pdbx_label_alt_id 
_atom_site_anisotrop.pdbx_label_comp_id 
_atom_site_anisotrop.pdbx_label_asym_id 
_atom_site_anisotrop.pdbx_label_seq_id 
_atom_site_anisotrop.pdbx_PDB_ins_code 
_atom_site_anisotrop.U[1][1] 
_atom_site_anisotrop.U[2][2] 
_atom_site_anisotrop.U[3][3] 
_atom_site_anisotrop.U[1][2] 
_atom_site_anisotrop.U[1][3] 
_atom_site_anisotrop.U[2][3] 
_atom_site_anisotrop.pdbx_auth_seq_id 
_atom_site_anisotrop.pdbx_auth_comp_id 
_atom_site_anisotrop.pdbx_auth_asym_id 
_atom_site_anisotrop.pdbx_auth_atom_id 
1  N N   A PRO A 1 ? 0.0904 0.0617 0.0379 -0.0021 -0.0076 -0.0110 25  PRO A N   
2  N N   B PRO A 1 ? 0.0849 0.0884 0.0941 0.0140  0.0042  -0.0490 25  PRO A N   
3  C CA  A PRO A 1 ? 0.0857 0.0809 0.0772 -0.0060 -0.0131 -0.0002 25  PRO A CA  
4  C CA  B PRO A 1 ? 0.0881 0.0962 0.0971 -0.0009 0.0002  -0.0206 25  PRO A CA  
5  C C   A PRO A 1 ? 0.0843 0.0627 0.0972 -0.0228 -0.0091 -0.0154 25  PRO A C   
6  C C   B PRO A 1 ? 0.0846 0.0886 0.0565 -0.0204 0.0016  -0.0276 25  PRO A C   
7  O O   A PRO A 1 ? 0.0748 0.0804 0.1003 -0.0305 -0.0047 -0.0236 25  PRO A O   
8  O O   B PRO A 1 ? 0.1195 0.1353 0.0651 -0.0427 0.0137  -0.0516 25  PRO A O   
9  C CB  A PRO A 1 ? 0.1101 0.0655 0.1223 -0.0153 -0.0326 -0.0080 25  PRO A CB  
10 C CB  B PRO A 1 ? 0.1019 0.0980 0.1209 -0.0064 -0.0244 -0.0136 25  PRO A CB  
11 C CG  A PRO A 1 ? 0.1094 0.0625 0.1304 -0.0136 -0.0306 0.0016  25  PRO A CG  
12 C CG  B PRO A 1 ? 0.0484 0.1073 0.1089 0.0123  0.0014  -0.0234 25  PRO A CG  
13 C CD  A PRO A 1 ? 0.0946 0.0628 0.0348 -0.0097 -0.0159 0.0017  25  PRO A CD  
14 C CD  B PRO A 1 ? 0.0722 0.0878 0.1166 0.0076  0.0047  -0.0360 25  PRO A CD  
33 N N   . MET A 2 ? 0.0759 0.0920 0.0651 -0.0242 0.0065  -0.0145 26  MET A N   
34 C CA  . MET A 2 ? 0.0833 0.0930 0.0727 -0.0209 0.0105  -0.0308 26  MET A CA  
35 C C   . MET A 2 ? 0.0740 0.0931 0.0710 -0.0207 0.0053  -0.0244 26  MET A C   
36 O O   . MET A 2 ? 0.1206 0.1246 0.0707 -0.0489 0.0146  -0.0322 26  MET A O   
37 C CB  . MET A 2 ? 0.0832 0.0778 0.1062 -0.0252 -0.0053 -0.0232 26  MET A CB  
38 C CG  . MET A 2 ? 0.0704 0.0793 0.1332 -0.0279 -0.0060 -0.0237 26  MET A CG  
39 S SD  . MET A 2 ? 0.1130 0.1369 0.1971 -0.0328 -0.0289 0.0440  26  MET A SD  
40 C CE  . MET A 2 ? 0.2463 0.5233 0.2781 0.1303  0.0763  0.2287  26  MET A CE  
50 N N   . LEU A 3 ? 0.0819 0.0806 0.0745 -0.0195 0.0114  -0.0188 27  LEU A N   
51 C CA  . LEU A 3 ? 0.0798 0.1044 0.0863 -0.0313 0.0103  -0.0127 27  LEU A CA  
52 C C   . LEU A 3 ? 0.0874 0.0871 0.0660 -0.0339 0.0133  -0.0257 27  LEU A C   
53 O O   . LEU A 3 ? 0.0897 0.1525 0.1077 -0.0323 0.0097  -0.0766 27  LEU A O   
54 C CB  . LEU A 3 ? 0.1019 0.1022 0.0907 -0.0321 0.0074  -0.0053 27  LEU A CB  
55 C CG  . LEU A 3 ? 0.1346 0.1224 0.0962 0.0064  0.0244  0.0141  27  LEU A CG  
56 C CD1 . LEU A 3 ? 0.0949 0.1857 0.0839 -0.0122 0.0078  0.0016  27  LEU A CD1 
57 C CD2 . LEU A 3 ? 0.1420 0.1874 0.0876 0.0488  -0.0268 -0.0169 27  LEU A CD2 
69 N N   . LEU A 4 ? 0.1097 0.0648 0.0805 -0.0159 -0.0096 -0.0194 28  LEU A N   
70 C CA  . LEU A 4 ? 0.1200 0.0684 0.1062 -0.0078 -0.0023 -0.0044 28  LEU A CA  
71 C C   . LEU A 4 ? 0.1316 0.0814 0.1867 0.0036  0.0650  -0.0172 28  LEU A C   
72 O O   . LEU A 4 ? 0.1966 0.1115 0.4692 0.0275  0.1853  -0.0119 28  LEU A O   
73 C CB  . LEU A 4 ? 0.1136 0.0885 0.1125 0.0005  0.0029  0.0009  28  LEU A CB  
74 C CG  . LEU A 4 ? 0.1104 0.0854 0.0973 0.0064  0.0086  -0.0059 28  LEU A CG  
75 C CD1 . LEU A 4 ? 0.1388 0.2147 0.1018 -0.0038 0.0120  0.0318  28  LEU A CD1 
76 C CD2 . LEU A 4 ? 0.1755 0.0860 0.1418 -0.0287 0.0406  -0.0238 28  LEU A CD2 
77 O OXT . LEU A 4 ? 0.1309 0.0788 0.1212 -0.0046 0.0467  -0.0041 28  LEU A OXT 
89 O O   . HOH B . ? 0.3778 0.3477 0.1309 0.2055  -0.0438 -0.0725 101 HOH A O   
90 O O   . HOH B . ? 0.1674 0.1024 0.1462 -0.0060 -0.0298 0.0002  102 HOH A O   
91 O O   . HOH B . ? 0.6922 0.2054 0.4453 -0.2323 0.4699  -0.1750 103 HOH A O   
# 
